data_4RUN
#
_entry.id   4RUN
#
_cell.length_a   52.949
_cell.length_b   52.949
_cell.length_c   232.098
_cell.angle_alpha   90.000
_cell.angle_beta   90.000
_cell.angle_gamma   90.000
#
_symmetry.space_group_name_H-M   'P 41 21 2'
#
loop_
_entity.id
_entity.type
_entity.pdbx_description
1 polymer 'Odorant-binding protein 2a'
2 non-polymer 'CITRATE ANION'
3 water water
#
_entity_poly.entity_id   1
_entity_poly.type   'polypeptide(L)'
_entity_poly.pdbx_seq_one_letter_code
;LSFTLEEEDITGTWYVKAMVVDKDFPEDRRPRKVSPVKVTALGGGNLEATFTFMREDRCIQKKILMRKTEEPGKFSAYGG
RKLIYLQELPGTDDYVFYSKDQRRGGLRYMGNLVGRNPNTNLEALEEFKKLVQHKGLSEEDIFMPLQTGSCVLEHHHHHH
H
;
_entity_poly.pdbx_strand_id   A,B
#
# COMPACT_ATOMS: atom_id res chain seq x y z
N GLU A 8 26.06 -1.14 5.13
CA GLU A 8 24.73 -1.56 4.60
C GLU A 8 24.53 -3.07 4.71
N ASP A 9 23.28 -3.49 4.49
CA ASP A 9 22.95 -4.89 4.22
C ASP A 9 21.78 -4.93 3.25
N ILE A 10 21.93 -5.77 2.23
CA ILE A 10 21.26 -5.58 0.96
C ILE A 10 20.59 -6.83 0.34
N THR A 11 21.12 -8.02 0.63
CA THR A 11 20.61 -9.27 0.03
C THR A 11 19.31 -9.73 0.70
N GLY A 12 18.59 -10.63 0.03
CA GLY A 12 17.29 -11.12 0.52
C GLY A 12 16.11 -10.49 -0.20
N THR A 13 14.95 -10.53 0.43
CA THR A 13 13.72 -10.00 -0.18
C THR A 13 13.52 -8.53 0.18
N TRP A 14 13.15 -7.73 -0.82
CA TRP A 14 12.72 -6.34 -0.64
C TRP A 14 11.39 -6.13 -1.32
N TYR A 15 10.65 -5.15 -0.82
CA TYR A 15 9.35 -4.82 -1.34
C TYR A 15 9.38 -3.39 -1.82
N VAL A 16 8.89 -3.17 -3.05
CA VAL A 16 8.79 -1.84 -3.65
C VAL A 16 7.43 -1.24 -3.30
N LYS A 17 7.44 -0.18 -2.51
CA LYS A 17 6.20 0.36 -1.92
C LYS A 17 5.73 1.61 -2.62
N ALA A 18 6.65 2.35 -3.21
CA ALA A 18 6.29 3.52 -3.97
C ALA A 18 7.34 3.75 -5.00
N MET A 19 7.00 4.52 -6.02
CA MET A 19 7.84 4.72 -7.18
C MET A 19 7.68 6.16 -7.68
N VAL A 20 8.75 6.74 -8.23
CA VAL A 20 8.74 8.12 -8.78
C VAL A 20 9.68 8.12 -9.95
N VAL A 21 9.33 8.93 -10.94
CA VAL A 21 9.99 8.96 -12.23
C VAL A 21 10.12 10.40 -12.71
N ASP A 22 11.14 10.72 -13.51
CA ASP A 22 11.22 12.07 -14.04
C ASP A 22 10.07 12.34 -15.00
N LYS A 23 9.81 13.61 -15.26
CA LYS A 23 8.74 14.02 -16.17
C LYS A 23 8.84 13.59 -17.65
N ASP A 24 9.98 13.06 -18.10
CA ASP A 24 10.07 12.50 -19.46
C ASP A 24 9.55 11.08 -19.54
N PHE A 25 9.53 10.39 -18.39
CA PHE A 25 9.05 9.01 -18.29
C PHE A 25 7.63 8.87 -18.82
N PRO A 26 7.44 8.07 -19.88
CA PRO A 26 6.10 7.90 -20.45
C PRO A 26 5.15 7.19 -19.50
N GLU A 27 3.92 7.68 -19.41
CA GLU A 27 2.94 7.12 -18.50
C GLU A 27 2.63 5.66 -18.85
N ASP A 28 2.45 5.39 -20.14
CA ASP A 28 2.31 4.01 -20.64
C ASP A 28 3.37 3.07 -20.05
N ARG A 29 4.50 3.62 -19.63
CA ARG A 29 5.65 2.81 -19.22
C ARG A 29 5.65 2.42 -17.73
N ARG A 30 4.75 3.00 -16.92
CA ARG A 30 4.75 2.74 -15.49
C ARG A 30 4.29 1.34 -15.07
N PRO A 31 5.03 0.67 -14.18
CA PRO A 31 4.60 -0.55 -13.56
C PRO A 31 3.24 -0.43 -12.87
N ARG A 32 2.29 -1.30 -13.23
CA ARG A 32 1.00 -1.37 -12.56
C ARG A 32 1.14 -2.20 -11.33
N LYS A 33 1.88 -3.30 -11.47
CA LYS A 33 2.05 -4.27 -10.41
C LYS A 33 3.53 -4.55 -10.32
N VAL A 34 3.96 -5.19 -9.25
CA VAL A 34 5.37 -5.49 -9.03
C VAL A 34 5.52 -6.60 -7.98
N SER A 35 6.45 -7.52 -8.24
CA SER A 35 6.72 -8.62 -7.33
C SER A 35 7.71 -8.18 -6.26
N PRO A 36 7.98 -9.05 -5.26
CA PRO A 36 9.13 -8.80 -4.38
C PRO A 36 10.43 -8.87 -5.15
N VAL A 37 11.43 -8.15 -4.68
CA VAL A 37 12.75 -8.14 -5.28
C VAL A 37 13.67 -9.05 -4.50
N LYS A 38 14.21 -10.07 -5.15
CA LYS A 38 15.17 -10.97 -4.51
C LYS A 38 16.56 -10.58 -4.92
N VAL A 39 17.35 -10.16 -3.92
CA VAL A 39 18.73 -9.72 -4.13
C VAL A 39 19.67 -10.81 -3.61
N THR A 40 20.56 -11.29 -4.47
CA THR A 40 21.54 -12.33 -4.12
C THR A 40 22.95 -11.84 -4.43
N ALA A 41 23.91 -12.21 -3.56
CA ALA A 41 25.32 -11.89 -3.77
C ALA A 41 25.98 -12.90 -4.70
N LEU A 42 26.96 -12.44 -5.47
CA LEU A 42 27.66 -13.29 -6.45
C LEU A 42 29.17 -13.32 -6.20
N GLY A 43 29.59 -12.96 -5.00
CA GLY A 43 31.00 -12.85 -4.69
C GLY A 43 31.63 -11.60 -5.27
N GLY A 44 32.68 -11.13 -4.61
CA GLY A 44 33.35 -9.88 -4.97
C GLY A 44 32.51 -8.64 -4.73
N GLY A 45 31.49 -8.76 -3.87
CA GLY A 45 30.58 -7.66 -3.58
C GLY A 45 29.46 -7.49 -4.59
N ASN A 46 29.60 -8.09 -5.78
CA ASN A 46 28.61 -7.95 -6.85
C ASN A 46 27.31 -8.62 -6.49
N LEU A 47 26.22 -8.00 -6.94
CA LEU A 47 24.89 -8.44 -6.59
C LEU A 47 24.03 -8.69 -7.81
N GLU A 48 22.87 -9.26 -7.56
CA GLU A 48 21.92 -9.51 -8.59
C GLU A 48 20.55 -9.37 -7.99
N ALA A 49 19.70 -8.58 -8.66
CA ALA A 49 18.34 -8.38 -8.24
C ALA A 49 17.42 -9.02 -9.27
N THR A 50 16.42 -9.76 -8.80
CA THR A 50 15.45 -10.42 -9.67
C THR A 50 14.04 -10.02 -9.25
N PHE A 51 13.21 -9.64 -10.22
CA PHE A 51 11.82 -9.26 -9.95
C PHE A 51 11.03 -9.24 -11.24
N THR A 52 9.70 -9.12 -11.09
CA THR A 52 8.80 -8.99 -12.22
C THR A 52 7.85 -7.84 -11.97
N PHE A 53 7.29 -7.31 -13.05
CA PHE A 53 6.26 -6.28 -12.92
C PHE A 53 5.39 -6.24 -14.15
N MET A 54 4.20 -5.67 -14.01
CA MET A 54 3.27 -5.59 -15.11
C MET A 54 3.29 -4.19 -15.68
N ARG A 55 3.45 -4.10 -16.99
CA ARG A 55 3.40 -2.85 -17.68
C ARG A 55 2.26 -3.03 -18.69
N GLU A 56 1.11 -2.45 -18.35
CA GLU A 56 -0.16 -2.71 -19.05
C GLU A 56 -0.53 -4.19 -18.87
N ASP A 57 -0.82 -4.91 -19.94
CA ASP A 57 -1.13 -6.35 -19.83
C ASP A 57 0.14 -7.22 -19.91
N ARG A 58 1.32 -6.62 -19.95
CA ARG A 58 2.55 -7.35 -20.23
C ARG A 58 3.31 -7.63 -18.94
N CYS A 59 3.59 -8.91 -18.67
CA CYS A 59 4.46 -9.28 -17.55
C CYS A 59 5.92 -9.17 -17.97
N ILE A 60 6.70 -8.38 -17.24
CA ILE A 60 8.10 -8.19 -17.61
C ILE A 60 9.03 -8.70 -16.51
N GLN A 61 10.01 -9.48 -16.93
CA GLN A 61 10.96 -10.14 -16.06
C GLN A 61 12.28 -9.42 -16.11
N LYS A 62 12.89 -9.20 -14.96
CA LYS A 62 14.16 -8.50 -14.86
C LYS A 62 15.11 -9.30 -13.99
N LYS A 63 16.39 -9.19 -14.30
CA LYS A 63 17.44 -9.89 -13.58
C LYS A 63 18.68 -9.04 -13.81
N ILE A 64 19.05 -8.27 -12.79
CA ILE A 64 20.00 -7.20 -12.98
C ILE A 64 21.27 -7.45 -12.21
N LEU A 65 22.37 -7.55 -12.93
CA LEU A 65 23.68 -7.57 -12.34
C LEU A 65 24.02 -6.17 -11.85
N MET A 66 24.29 -6.06 -10.55
CA MET A 66 24.65 -4.80 -9.89
C MET A 66 26.08 -4.90 -9.41
N ARG A 67 26.98 -4.17 -10.05
CA ARG A 67 28.39 -4.29 -9.73
C ARG A 67 28.80 -3.34 -8.59
N LYS A 68 29.74 -3.81 -7.79
CA LYS A 68 30.32 -3.04 -6.70
C LYS A 68 30.92 -1.74 -7.24
N THR A 69 31.03 -0.72 -6.39
CA THR A 69 31.86 0.45 -6.69
C THR A 69 32.65 0.82 -5.45
N GLU A 70 33.48 1.85 -5.57
CA GLU A 70 34.32 2.28 -4.45
C GLU A 70 33.53 3.02 -3.36
N GLU A 71 32.26 3.34 -3.61
CA GLU A 71 31.40 3.91 -2.58
C GLU A 71 30.35 2.92 -2.11
N PRO A 72 30.23 2.74 -0.78
CA PRO A 72 29.20 1.84 -0.27
C PRO A 72 27.81 2.41 -0.54
N GLY A 73 26.87 1.53 -0.90
CA GLY A 73 25.52 1.97 -1.25
C GLY A 73 25.35 2.32 -2.72
N LYS A 74 26.46 2.59 -3.42
CA LYS A 74 26.45 2.91 -4.85
C LYS A 74 26.85 1.70 -5.71
N PHE A 75 26.02 1.37 -6.69
CA PHE A 75 26.27 0.26 -7.61
C PHE A 75 26.07 0.70 -9.05
N SER A 76 26.49 -0.15 -9.99
CA SER A 76 26.32 0.11 -11.40
C SER A 76 25.77 -1.12 -12.10
N ALA A 77 25.05 -0.91 -13.19
CA ALA A 77 24.44 -2.00 -13.94
C ALA A 77 24.49 -1.70 -15.43
N TYR A 78 24.37 -2.77 -16.22
CA TYR A 78 24.43 -2.69 -17.67
C TYR A 78 25.71 -1.96 -18.12
N GLY A 79 26.86 -2.44 -17.66
CA GLY A 79 28.15 -1.88 -18.04
C GLY A 79 28.41 -0.46 -17.59
N GLY A 80 27.69 0.01 -16.57
CA GLY A 80 27.81 1.40 -16.11
C GLY A 80 26.88 2.38 -16.81
N ARG A 81 26.00 1.86 -17.65
CA ARG A 81 24.94 2.66 -18.26
C ARG A 81 24.04 3.26 -17.16
N LYS A 82 23.76 2.43 -16.14
CA LYS A 82 22.89 2.79 -15.04
C LYS A 82 23.66 2.80 -13.71
N LEU A 83 23.47 3.87 -12.92
CA LEU A 83 24.03 3.92 -11.56
C LEU A 83 22.90 3.85 -10.56
N ILE A 84 23.16 3.16 -9.46
CA ILE A 84 22.14 2.78 -8.48
C ILE A 84 22.63 3.03 -7.06
N TYR A 85 21.88 3.86 -6.32
CA TYR A 85 22.22 4.25 -4.95
C TYR A 85 21.16 3.70 -4.02
N LEU A 86 21.59 3.13 -2.91
CA LEU A 86 20.68 2.71 -1.85
C LEU A 86 20.97 3.61 -0.68
N GLN A 87 19.95 4.31 -0.21
CA GLN A 87 20.10 5.25 0.90
C GLN A 87 19.05 4.96 1.96
N GLU A 88 19.44 5.08 3.23
CA GLU A 88 18.51 4.92 4.34
C GLU A 88 17.54 6.10 4.27
N LEU A 89 16.25 5.81 4.43
CA LEU A 89 15.24 6.86 4.48
C LEU A 89 15.02 7.19 5.96
N PRO A 90 15.57 8.33 6.41
CA PRO A 90 15.53 8.66 7.84
C PRO A 90 14.13 8.77 8.46
N GLY A 91 14.03 8.34 9.72
CA GLY A 91 12.78 8.39 10.46
C GLY A 91 11.89 7.19 10.25
N THR A 92 12.38 6.24 9.49
CA THR A 92 11.62 5.02 9.23
C THR A 92 12.63 3.91 8.97
N ASP A 93 12.10 2.73 8.69
CA ASP A 93 12.90 1.52 8.52
C ASP A 93 13.00 1.09 7.06
N ASP A 94 12.82 2.05 6.15
CA ASP A 94 12.89 1.80 4.73
C ASP A 94 14.08 2.52 4.12
N TYR A 95 14.34 2.19 2.86
CA TYR A 95 15.44 2.76 2.12
C TYR A 95 14.88 3.37 0.84
N VAL A 96 15.68 4.20 0.19
CA VAL A 96 15.37 4.70 -1.15
C VAL A 96 16.35 4.13 -2.15
N PHE A 97 15.81 3.67 -3.28
CA PHE A 97 16.59 3.10 -4.37
C PHE A 97 16.50 4.12 -5.48
N TYR A 98 17.58 4.86 -5.68
CA TYR A 98 17.64 5.96 -6.63
C TYR A 98 18.48 5.49 -7.79
N SER A 99 18.00 5.67 -9.03
CA SER A 99 18.77 5.25 -10.19
C SER A 99 18.93 6.38 -11.20
N LYS A 100 20.11 6.45 -11.79
CA LYS A 100 20.40 7.39 -12.88
C LYS A 100 20.83 6.53 -14.09
N ASP A 101 20.07 6.61 -15.19
CA ASP A 101 20.27 5.74 -16.35
C ASP A 101 20.64 6.54 -17.61
N GLN A 102 21.86 6.37 -18.09
CA GLN A 102 22.31 7.03 -19.32
C GLN A 102 21.72 6.29 -20.53
N ARG A 103 20.48 6.62 -20.87
CA ARG A 103 19.71 5.85 -21.86
C ARG A 103 19.89 6.50 -23.21
N ARG A 104 19.93 5.69 -24.27
CA ARG A 104 19.93 6.20 -25.64
C ARG A 104 19.08 7.46 -25.79
N GLY A 105 17.91 7.45 -25.14
CA GLY A 105 16.94 8.54 -25.24
C GLY A 105 17.11 9.70 -24.26
N GLY A 106 18.16 9.66 -23.46
CA GLY A 106 18.40 10.66 -22.44
C GLY A 106 18.64 10.08 -21.06
N LEU A 107 19.08 10.96 -20.19
CA LEU A 107 19.30 10.65 -18.80
C LEU A 107 17.94 10.43 -18.15
N ARG A 108 17.79 9.30 -17.45
CA ARG A 108 16.55 9.00 -16.75
C ARG A 108 16.78 8.84 -15.25
N TYR A 109 16.07 9.64 -14.45
CA TYR A 109 16.05 9.48 -12.98
C TYR A 109 14.81 8.70 -12.57
N MET A 110 14.97 7.93 -11.50
CA MET A 110 13.88 7.09 -11.02
C MET A 110 14.16 6.72 -9.57
N GLY A 111 13.13 6.80 -8.73
CA GLY A 111 13.27 6.53 -7.31
C GLY A 111 12.28 5.48 -6.86
N ASN A 112 12.70 4.62 -5.95
CA ASN A 112 11.81 3.59 -5.44
C ASN A 112 11.95 3.50 -3.94
N LEU A 113 10.81 3.52 -3.25
CA LEU A 113 10.75 3.29 -1.84
C LEU A 113 10.76 1.80 -1.62
N VAL A 114 11.73 1.32 -0.88
CA VAL A 114 11.90 -0.11 -0.67
C VAL A 114 12.09 -0.47 0.80
N GLY A 115 11.57 -1.62 1.19
CA GLY A 115 11.73 -2.08 2.57
C GLY A 115 11.62 -3.59 2.71
N ARG A 116 12.05 -4.07 3.86
CA ARG A 116 12.00 -5.49 4.15
C ARG A 116 10.59 -5.93 4.42
N ASN A 117 9.85 -5.04 5.07
CA ASN A 117 8.52 -5.30 5.48
C ASN A 117 7.64 -4.84 4.37
N PRO A 118 6.65 -5.65 3.97
CA PRO A 118 5.81 -5.29 2.82
C PRO A 118 4.79 -4.21 3.12
N ASN A 119 4.53 -3.97 4.40
CA ASN A 119 3.59 -2.95 4.79
C ASN A 119 4.19 -1.58 4.70
N THR A 120 3.31 -0.60 4.46
CA THR A 120 3.71 0.78 4.37
C THR A 120 3.00 1.65 5.38
N ASN A 121 3.73 2.62 5.89
CA ASN A 121 3.17 3.61 6.78
C ASN A 121 3.05 4.86 5.92
N LEU A 122 2.02 5.66 6.15
CA LEU A 122 1.85 6.91 5.45
C LEU A 122 3.01 7.85 5.76
N GLU A 123 3.56 7.77 6.96
CA GLU A 123 4.65 8.67 7.35
C GLU A 123 5.89 8.36 6.51
N ALA A 124 6.08 7.10 6.17
CA ALA A 124 7.18 6.70 5.32
C ALA A 124 7.01 7.21 3.87
N LEU A 125 5.78 7.17 3.36
CA LEU A 125 5.50 7.72 2.04
C LEU A 125 5.75 9.20 2.01
N GLU A 126 5.49 9.86 3.12
CA GLU A 126 5.70 11.30 3.21
C GLU A 126 7.18 11.68 3.22
N GLU A 127 7.99 10.91 3.92
CA GLU A 127 9.44 11.15 3.94
C GLU A 127 10.02 10.91 2.55
N PHE A 128 9.49 9.89 1.87
CA PHE A 128 9.84 9.60 0.50
C PHE A 128 9.55 10.78 -0.41
N LYS A 129 8.35 11.34 -0.28
CA LYS A 129 7.95 12.51 -1.05
C LYS A 129 8.90 13.67 -0.79
N LYS A 130 9.11 14.00 0.48
CA LYS A 130 10.06 15.05 0.89
C LYS A 130 11.43 14.87 0.27
N LEU A 131 11.96 13.66 0.36
CA LEU A 131 13.30 13.38 -0.17
C LEU A 131 13.29 13.48 -1.70
N VAL A 132 12.23 12.96 -2.30
CA VAL A 132 12.04 13.03 -3.73
C VAL A 132 12.07 14.46 -4.25
N GLN A 133 11.36 15.36 -3.57
CA GLN A 133 11.29 16.77 -3.96
C GLN A 133 12.62 17.51 -3.81
N HIS A 134 13.37 17.14 -2.77
CA HIS A 134 14.73 17.63 -2.53
C HIS A 134 15.59 17.43 -3.77
N LYS A 135 15.42 16.27 -4.43
CA LYS A 135 16.21 15.92 -5.61
C LYS A 135 15.66 16.43 -6.94
N GLY A 136 14.68 17.33 -6.92
CA GLY A 136 14.14 17.91 -8.15
C GLY A 136 12.97 17.19 -8.81
N LEU A 137 12.67 15.97 -8.35
CA LEU A 137 11.51 15.22 -8.84
C LEU A 137 10.22 15.76 -8.19
N SER A 138 9.06 15.29 -8.67
CA SER A 138 7.77 15.89 -8.29
C SER A 138 6.81 14.92 -7.61
N GLU A 139 6.03 15.45 -6.67
CA GLU A 139 5.08 14.68 -5.86
C GLU A 139 3.99 14.01 -6.69
N GLU A 140 3.53 14.72 -7.72
CA GLU A 140 2.41 14.29 -8.53
C GLU A 140 2.85 13.18 -9.48
N ASP A 141 4.16 12.98 -9.64
CA ASP A 141 4.67 11.84 -10.37
C ASP A 141 5.03 10.67 -9.42
N ILE A 142 4.49 10.66 -8.19
CA ILE A 142 4.69 9.53 -7.29
C ILE A 142 3.50 8.60 -7.40
N PHE A 143 3.77 7.34 -7.65
CA PHE A 143 2.71 6.36 -7.85
C PHE A 143 3.13 5.08 -7.11
N MET A 144 2.15 4.26 -6.78
CA MET A 144 2.38 3.12 -5.91
C MET A 144 1.86 1.85 -6.55
N PRO A 145 2.77 1.10 -7.15
CA PRO A 145 2.24 -0.07 -7.86
C PRO A 145 1.71 -1.14 -6.91
N LEU A 146 0.83 -1.98 -7.41
CA LEU A 146 0.25 -3.07 -6.63
C LEU A 146 1.33 -4.09 -6.34
N GLN A 147 1.46 -4.50 -5.09
CA GLN A 147 2.44 -5.52 -4.74
C GLN A 147 1.82 -6.89 -4.94
N THR A 148 2.54 -7.76 -5.64
CA THR A 148 2.00 -9.05 -6.05
C THR A 148 3.09 -10.11 -5.99
N GLY A 149 2.70 -11.36 -6.25
CA GLY A 149 3.65 -12.41 -6.56
C GLY A 149 4.12 -12.19 -7.98
N SER A 150 4.96 -13.10 -8.46
CA SER A 150 5.45 -13.06 -9.83
C SER A 150 4.29 -13.07 -10.81
N CYS A 151 4.42 -12.36 -11.92
CA CYS A 151 3.43 -12.44 -13.00
C CYS A 151 3.78 -13.51 -14.01
N VAL A 152 4.66 -14.43 -13.65
CA VAL A 152 5.04 -15.49 -14.56
C VAL A 152 3.91 -16.52 -14.47
N LEU A 153 3.28 -16.62 -13.30
CA LEU A 153 2.10 -17.46 -13.17
C LEU A 153 0.97 -16.98 -14.12
N GLU A 154 0.56 -15.71 -13.99
CA GLU A 154 -0.30 -15.05 -14.99
C GLU A 154 -0.24 -13.53 -14.88
N SER B 2 -21.47 13.08 -3.42
CA SER B 2 -22.68 13.28 -2.56
C SER B 2 -23.94 12.55 -3.07
N PHE B 3 -23.84 11.25 -3.40
CA PHE B 3 -25.04 10.47 -3.79
C PHE B 3 -25.37 9.45 -2.71
N THR B 4 -26.59 9.57 -2.18
CA THR B 4 -27.08 8.65 -1.16
C THR B 4 -26.81 7.20 -1.58
N LEU B 5 -26.10 6.46 -0.72
CA LEU B 5 -25.78 5.06 -0.99
C LEU B 5 -27.06 4.24 -1.01
N GLU B 6 -27.09 3.27 -1.92
CA GLU B 6 -28.13 2.27 -2.03
C GLU B 6 -27.46 0.93 -1.84
N GLU B 7 -28.25 -0.09 -1.55
CA GLU B 7 -27.66 -1.36 -1.14
C GLU B 7 -26.60 -1.80 -2.13
N GLU B 8 -26.93 -1.72 -3.41
CA GLU B 8 -26.10 -2.33 -4.48
C GLU B 8 -24.84 -1.54 -4.73
N ASP B 9 -24.70 -0.39 -4.06
CA ASP B 9 -23.47 0.41 -4.10
C ASP B 9 -22.48 -0.11 -3.07
N ILE B 10 -22.98 -0.94 -2.15
CA ILE B 10 -22.25 -1.37 -0.98
C ILE B 10 -21.81 -2.82 -1.12
N THR B 11 -22.62 -3.64 -1.80
CA THR B 11 -22.31 -5.06 -1.98
C THR B 11 -21.22 -5.27 -3.04
N GLY B 12 -20.62 -6.46 -3.05
CA GLY B 12 -19.54 -6.79 -3.96
C GLY B 12 -18.17 -6.73 -3.28
N THR B 13 -17.13 -6.58 -4.10
CA THR B 13 -15.76 -6.57 -3.61
C THR B 13 -15.31 -5.15 -3.27
N TRP B 14 -14.66 -5.01 -2.12
CA TRP B 14 -13.97 -3.79 -1.72
C TRP B 14 -12.54 -4.13 -1.33
N TYR B 15 -11.68 -3.12 -1.40
CA TYR B 15 -10.28 -3.30 -1.07
C TYR B 15 -9.92 -2.32 0.04
N VAL B 16 -9.27 -2.84 1.08
CA VAL B 16 -8.82 -2.05 2.21
C VAL B 16 -7.43 -1.53 1.90
N LYS B 17 -7.30 -0.22 1.76
CA LYS B 17 -6.07 0.38 1.28
C LYS B 17 -5.26 0.99 2.41
N ALA B 18 -5.95 1.45 3.44
CA ALA B 18 -5.27 1.95 4.60
C ALA B 18 -6.15 1.71 5.80
N MET B 19 -5.51 1.68 6.95
CA MET B 19 -6.15 1.41 8.22
C MET B 19 -5.62 2.42 9.22
N VAL B 20 -6.43 2.77 10.21
CA VAL B 20 -5.95 3.60 11.31
C VAL B 20 -5.68 2.80 12.57
N VAL B 21 -4.60 3.16 13.26
CA VAL B 21 -4.22 2.55 14.53
C VAL B 21 -3.60 3.65 15.44
N ASP B 22 -3.61 3.43 16.75
CA ASP B 22 -2.94 4.36 17.67
C ASP B 22 -1.43 4.38 17.44
N LYS B 23 -0.82 5.56 17.63
CA LYS B 23 0.56 5.85 17.21
C LYS B 23 1.48 4.64 17.32
N ASP B 24 1.60 4.12 18.54
CA ASP B 24 2.57 3.08 18.83
C ASP B 24 2.01 1.67 18.75
N PHE B 25 0.70 1.53 18.97
CA PHE B 25 0.10 0.22 19.21
C PHE B 25 -1.31 0.06 18.58
N PRO B 26 -1.74 -1.18 18.31
CA PRO B 26 -0.96 -2.39 18.57
C PRO B 26 0.22 -2.56 17.61
N GLU B 27 1.36 -2.99 18.13
CA GLU B 27 2.56 -3.15 17.31
C GLU B 27 2.42 -4.20 16.20
N ASP B 28 2.00 -5.41 16.59
CA ASP B 28 2.06 -6.60 15.75
C ASP B 28 0.72 -7.31 15.58
N ARG B 29 -0.29 -6.87 16.33
CA ARG B 29 -1.68 -7.29 16.13
C ARG B 29 -2.32 -6.46 15.02
N ARG B 30 -1.54 -5.56 14.42
CA ARG B 30 -1.90 -4.97 13.13
C ARG B 30 -1.86 -6.02 12.00
N PRO B 31 -2.87 -6.00 11.12
CA PRO B 31 -2.89 -6.83 9.93
C PRO B 31 -1.67 -6.61 9.06
N ARG B 32 -0.95 -7.68 8.73
CA ARG B 32 0.17 -7.59 7.80
C ARG B 32 -0.37 -7.61 6.39
N LYS B 33 -1.34 -8.49 6.17
CA LYS B 33 -1.90 -8.70 4.86
C LYS B 33 -3.40 -8.66 5.02
N VAL B 34 -4.11 -8.56 3.92
CA VAL B 34 -5.56 -8.49 3.97
C VAL B 34 -6.14 -8.87 2.62
N SER B 35 -7.23 -9.62 2.64
CA SER B 35 -7.89 -10.05 1.44
C SER B 35 -8.87 -8.98 0.99
N PRO B 36 -9.47 -9.16 -0.19
CA PRO B 36 -10.59 -8.31 -0.54
C PRO B 36 -11.77 -8.57 0.39
N VAL B 37 -12.60 -7.57 0.57
CA VAL B 37 -13.78 -7.69 1.40
C VAL B 37 -14.98 -7.96 0.49
N LYS B 38 -15.67 -9.08 0.70
CA LYS B 38 -16.87 -9.41 -0.05
C LYS B 38 -18.07 -9.09 0.81
N VAL B 39 -18.84 -8.13 0.34
CA VAL B 39 -20.06 -7.69 1.02
C VAL B 39 -21.26 -8.26 0.27
N THR B 40 -22.11 -9.00 0.99
CA THR B 40 -23.27 -9.64 0.41
C THR B 40 -24.51 -9.23 1.19
N ALA B 41 -25.62 -9.04 0.48
CA ALA B 41 -26.90 -8.70 1.08
C ALA B 41 -27.61 -9.98 1.54
N LEU B 42 -28.38 -9.87 2.61
CA LEU B 42 -29.08 -11.01 3.19
C LEU B 42 -30.58 -10.79 3.25
N GLY B 43 -31.09 -9.86 2.45
CA GLY B 43 -32.50 -9.52 2.51
C GLY B 43 -32.83 -8.65 3.72
N GLY B 44 -33.86 -7.83 3.57
CA GLY B 44 -34.26 -6.87 4.58
C GLY B 44 -33.24 -5.75 4.75
N GLY B 45 -32.38 -5.55 3.75
CA GLY B 45 -31.31 -4.55 3.81
C GLY B 45 -30.05 -4.94 4.56
N ASN B 46 -30.13 -6.01 5.36
CA ASN B 46 -29.01 -6.48 6.16
C ASN B 46 -27.88 -7.01 5.30
N LEU B 47 -26.66 -6.78 5.77
CA LEU B 47 -25.48 -7.13 5.01
C LEU B 47 -24.56 -8.02 5.79
N GLU B 48 -23.56 -8.51 5.09
CA GLU B 48 -22.54 -9.33 5.67
C GLU B 48 -21.25 -9.05 4.93
N ALA B 49 -20.17 -8.81 5.69
CA ALA B 49 -18.86 -8.60 5.10
C ALA B 49 -17.97 -9.76 5.49
N THR B 50 -17.23 -10.29 4.52
CA THR B 50 -16.35 -11.42 4.74
C THR B 50 -14.98 -11.08 4.23
N PHE B 51 -13.96 -11.40 5.02
CA PHE B 51 -12.57 -11.15 4.61
C PHE B 51 -11.64 -11.93 5.50
N THR B 52 -10.39 -11.95 5.11
CA THR B 52 -9.34 -12.56 5.90
C THR B 52 -8.17 -11.62 6.00
N PHE B 53 -7.32 -11.83 7.00
CA PHE B 53 -6.10 -11.05 7.12
C PHE B 53 -5.10 -11.82 7.93
N MET B 54 -3.83 -11.49 7.78
CA MET B 54 -2.79 -12.14 8.53
C MET B 54 -2.34 -11.25 9.68
N ARG B 55 -2.31 -11.82 10.87
CA ARG B 55 -1.85 -11.13 12.06
C ARG B 55 -0.69 -11.95 12.55
N GLU B 56 0.53 -11.48 12.26
CA GLU B 56 1.75 -12.26 12.44
C GLU B 56 1.68 -13.48 11.51
N ASP B 57 1.91 -14.69 12.02
CA ASP B 57 1.81 -15.90 11.18
C ASP B 57 0.40 -16.48 11.15
N ARG B 58 -0.57 -15.81 11.76
CA ARG B 58 -1.92 -16.37 11.93
C ARG B 58 -2.88 -15.81 10.89
N CYS B 59 -3.53 -16.71 10.14
CA CYS B 59 -4.62 -16.33 9.23
C CYS B 59 -5.91 -16.18 10.00
N ILE B 60 -6.53 -15.00 9.93
CA ILE B 60 -7.77 -14.77 10.67
C ILE B 60 -8.93 -14.50 9.72
N GLN B 61 -10.02 -15.22 9.93
CA GLN B 61 -11.21 -15.13 9.10
C GLN B 61 -12.28 -14.38 9.86
N LYS B 62 -12.96 -13.49 9.15
CA LYS B 62 -14.01 -12.68 9.73
C LYS B 62 -15.24 -12.75 8.85
N LYS B 63 -16.40 -12.59 9.48
CA LYS B 63 -17.67 -12.65 8.80
C LYS B 63 -18.65 -11.87 9.66
N ILE B 64 -18.97 -10.67 9.21
CA ILE B 64 -19.64 -9.72 10.07
C ILE B 64 -21.03 -9.37 9.56
N LEU B 65 -22.03 -9.65 10.38
CA LEU B 65 -23.40 -9.24 10.14
C LEU B 65 -23.53 -7.75 10.43
N MET B 66 -24.00 -7.02 9.44
CA MET B 66 -24.23 -5.59 9.53
C MET B 66 -25.72 -5.29 9.32
N ARG B 67 -26.41 -4.85 10.38
CA ARG B 67 -27.85 -4.66 10.27
C ARG B 67 -28.23 -3.27 9.77
N LYS B 68 -29.33 -3.20 9.03
CA LYS B 68 -29.87 -1.97 8.48
C LYS B 68 -30.17 -0.98 9.59
N THR B 69 -30.18 0.32 9.26
CA THR B 69 -30.74 1.35 10.13
C THR B 69 -31.55 2.32 9.29
N GLU B 70 -32.17 3.32 9.94
CA GLU B 70 -32.97 4.31 9.25
C GLU B 70 -32.14 5.32 8.45
N GLU B 71 -30.82 5.31 8.61
CA GLU B 71 -29.95 6.16 7.81
C GLU B 71 -29.14 5.35 6.82
N PRO B 72 -29.14 5.77 5.54
CA PRO B 72 -28.33 5.06 4.55
C PRO B 72 -26.86 5.32 4.82
N GLY B 73 -26.04 4.30 4.65
CA GLY B 73 -24.62 4.38 5.00
C GLY B 73 -24.29 3.95 6.42
N LYS B 74 -25.28 3.98 7.30
CA LYS B 74 -25.10 3.63 8.70
C LYS B 74 -25.65 2.23 9.02
N PHE B 75 -24.82 1.40 9.65
CA PHE B 75 -25.19 0.05 10.04
C PHE B 75 -24.81 -0.22 11.46
N SER B 76 -25.31 -1.32 12.01
CA SER B 76 -25.00 -1.75 13.36
C SER B 76 -24.63 -3.23 13.40
N ALA B 77 -23.84 -3.62 14.39
CA ALA B 77 -23.39 -5.00 14.55
C ALA B 77 -23.29 -5.35 16.02
N TYR B 78 -23.33 -6.65 16.32
CA TYR B 78 -23.29 -7.17 17.70
C TYR B 78 -24.37 -6.52 18.58
N GLY B 79 -25.62 -6.59 18.12
CA GLY B 79 -26.76 -6.06 18.86
C GLY B 79 -26.78 -4.55 19.05
N GLY B 80 -26.05 -3.81 18.21
CA GLY B 80 -25.95 -2.36 18.35
C GLY B 80 -24.84 -1.92 19.29
N ARG B 81 -24.00 -2.86 19.71
CA ARG B 81 -22.77 -2.56 20.42
C ARG B 81 -21.86 -1.70 19.53
N LYS B 82 -21.78 -2.06 18.25
CA LYS B 82 -20.90 -1.43 17.27
C LYS B 82 -21.74 -0.73 16.18
N LEU B 83 -21.40 0.51 15.86
CA LEU B 83 -22.02 1.24 14.74
C LEU B 83 -20.99 1.43 13.65
N ILE B 84 -21.46 1.35 12.40
CA ILE B 84 -20.60 1.27 11.23
C ILE B 84 -21.11 2.21 10.16
N TYR B 85 -20.27 3.15 9.75
CA TYR B 85 -20.62 4.16 8.77
C TYR B 85 -19.76 3.98 7.54
N LEU B 86 -20.39 4.12 6.38
CA LEU B 86 -19.67 4.21 5.13
C LEU B 86 -19.89 5.61 4.60
N GLN B 87 -18.80 6.33 4.37
CA GLN B 87 -18.85 7.73 3.94
C GLN B 87 -17.97 7.91 2.73
N GLU B 88 -18.41 8.77 1.81
CA GLU B 88 -17.60 9.12 0.66
C GLU B 88 -16.41 9.90 1.16
N LEU B 89 -15.23 9.58 0.63
CA LEU B 89 -14.05 10.36 0.94
C LEU B 89 -13.90 11.45 -0.13
N PRO B 90 -14.22 12.72 0.21
CA PRO B 90 -14.19 13.79 -0.79
C PRO B 90 -12.81 13.98 -1.39
N GLY B 91 -12.77 14.34 -2.66
CA GLY B 91 -11.50 14.53 -3.35
C GLY B 91 -10.84 13.23 -3.78
N THR B 92 -11.58 12.12 -3.65
CA THR B 92 -11.08 10.80 -4.02
C THR B 92 -12.26 10.01 -4.58
N ASP B 93 -12.00 8.81 -5.11
CA ASP B 93 -13.08 7.94 -5.59
C ASP B 93 -13.33 6.78 -4.61
N ASP B 94 -12.89 6.97 -3.37
CA ASP B 94 -12.89 5.95 -2.33
C ASP B 94 -13.83 6.39 -1.21
N TYR B 95 -14.02 5.48 -0.26
CA TYR B 95 -14.91 5.68 0.86
C TYR B 95 -14.13 5.43 2.13
N VAL B 96 -14.68 5.89 3.23
CA VAL B 96 -14.14 5.60 4.54
C VAL B 96 -15.12 4.72 5.30
N PHE B 97 -14.59 3.68 5.92
CA PHE B 97 -15.37 2.76 6.73
C PHE B 97 -14.99 3.05 8.16
N TYR B 98 -15.88 3.72 8.87
CA TYR B 98 -15.64 4.21 10.22
C TYR B 98 -16.48 3.34 11.14
N SER B 99 -15.89 2.84 12.21
CA SER B 99 -16.66 2.09 13.21
C SER B 99 -16.51 2.64 14.63
N LYS B 100 -17.62 2.65 15.38
CA LYS B 100 -17.63 2.99 16.80
C LYS B 100 -18.21 1.83 17.60
N ASP B 101 -17.44 1.29 18.55
CA ASP B 101 -17.99 0.34 19.53
C ASP B 101 -18.33 1.15 20.76
N GLN B 102 -19.62 1.19 21.12
CA GLN B 102 -20.18 2.22 22.00
C GLN B 102 -21.05 1.78 23.19
N ARG B 103 -22.01 0.87 22.98
CA ARG B 103 -22.90 0.43 24.10
C ARG B 103 -22.20 -0.49 25.09
N ARG B 104 -21.29 -1.30 24.57
CA ARG B 104 -20.30 -1.99 25.41
C ARG B 104 -19.86 -1.10 26.58
N GLY B 105 -19.74 0.21 26.34
CA GLY B 105 -19.24 1.15 27.34
C GLY B 105 -17.84 1.53 26.93
N GLY B 106 -17.52 2.81 26.83
CA GLY B 106 -16.16 3.20 26.44
C GLY B 106 -16.00 3.15 24.94
N LEU B 107 -15.85 4.31 24.29
CA LEU B 107 -15.97 4.43 22.84
C LEU B 107 -14.67 3.93 22.15
N ARG B 108 -14.80 2.98 21.22
CA ARG B 108 -13.64 2.38 20.53
C ARG B 108 -13.78 2.61 19.02
N TYR B 109 -12.83 3.38 18.47
CA TYR B 109 -12.89 3.87 17.09
C TYR B 109 -11.92 3.16 16.15
N MET B 110 -12.28 3.07 14.88
CA MET B 110 -11.44 2.42 13.88
C MET B 110 -11.88 2.86 12.49
N GLY B 111 -10.91 3.19 11.64
CA GLY B 111 -11.18 3.73 10.32
C GLY B 111 -10.44 2.95 9.26
N ASN B 112 -11.09 2.74 8.12
CA ASN B 112 -10.49 2.03 7.01
C ASN B 112 -10.78 2.75 5.70
N LEU B 113 -9.73 2.97 4.93
CA LEU B 113 -9.85 3.51 3.58
C LEU B 113 -10.18 2.36 2.64
N VAL B 114 -11.31 2.47 1.94
CA VAL B 114 -11.79 1.37 1.12
C VAL B 114 -12.20 1.86 -0.27
N GLY B 115 -12.03 1.00 -1.28
CA GLY B 115 -12.43 1.34 -2.61
C GLY B 115 -12.69 0.12 -3.47
N ARG B 116 -13.33 0.34 -4.61
CA ARG B 116 -13.60 -0.74 -5.54
C ARG B 116 -12.33 -1.15 -6.25
N ASN B 117 -11.50 -0.16 -6.51
CA ASN B 117 -10.29 -0.36 -7.26
C ASN B 117 -9.22 -0.63 -6.24
N PRO B 118 -8.40 -1.66 -6.44
CA PRO B 118 -7.37 -2.02 -5.48
C PRO B 118 -6.18 -1.03 -5.43
N ASN B 119 -6.01 -0.20 -6.47
CA ASN B 119 -4.92 0.77 -6.51
C ASN B 119 -5.22 1.92 -5.60
N THR B 120 -4.17 2.49 -5.03
CA THR B 120 -4.30 3.66 -4.21
C THR B 120 -3.24 4.67 -4.61
N ASN B 121 -3.58 5.93 -4.48
CA ASN B 121 -2.66 6.98 -4.79
C ASN B 121 -2.44 7.79 -3.54
N LEU B 122 -1.34 8.52 -3.52
CA LEU B 122 -0.92 9.25 -2.35
C LEU B 122 -1.89 10.35 -1.96
N GLU B 123 -2.53 11.00 -2.93
CA GLU B 123 -3.46 12.07 -2.61
C GLU B 123 -4.68 11.52 -1.85
N ALA B 124 -5.09 10.30 -2.18
CA ALA B 124 -6.20 9.67 -1.47
C ALA B 124 -5.82 9.37 -0.02
N LEU B 125 -4.60 8.89 0.18
CA LEU B 125 -4.11 8.58 1.51
C LEU B 125 -4.03 9.85 2.34
N GLU B 126 -3.75 10.96 1.69
CA GLU B 126 -3.63 12.25 2.36
C GLU B 126 -5.01 12.81 2.77
N GLU B 127 -6.04 12.62 1.94
CA GLU B 127 -7.41 12.99 2.32
C GLU B 127 -7.89 12.14 3.48
N PHE B 128 -7.55 10.87 3.45
CA PHE B 128 -7.84 9.93 4.53
C PHE B 128 -7.23 10.43 5.83
N LYS B 129 -5.96 10.83 5.78
CA LYS B 129 -5.25 11.36 6.95
C LYS B 129 -5.95 12.60 7.48
N LYS B 130 -6.18 13.55 6.59
CA LYS B 130 -6.91 14.78 6.90
C LYS B 130 -8.26 14.49 7.57
N LEU B 131 -9.03 13.57 7.02
CA LEU B 131 -10.34 13.24 7.59
C LEU B 131 -10.18 12.56 8.95
N VAL B 132 -9.22 11.66 9.01
CA VAL B 132 -8.90 10.94 10.23
C VAL B 132 -8.57 11.90 11.38
N GLN B 133 -7.75 12.93 11.10
CA GLN B 133 -7.34 13.91 12.11
C GLN B 133 -8.48 14.81 12.57
N HIS B 134 -9.38 15.15 11.64
CA HIS B 134 -10.61 15.88 11.91
C HIS B 134 -11.41 15.18 13.03
N LYS B 135 -11.45 13.85 12.99
CA LYS B 135 -12.21 13.06 13.97
C LYS B 135 -11.45 12.73 15.27
N GLY B 136 -10.30 13.36 15.51
CA GLY B 136 -9.57 13.15 16.76
C GLY B 136 -8.53 12.03 16.76
N LEU B 137 -8.53 11.18 15.73
CA LEU B 137 -7.53 10.12 15.60
C LEU B 137 -6.18 10.70 15.15
N SER B 138 -5.11 9.90 15.24
CA SER B 138 -3.76 10.43 15.19
C SER B 138 -3.14 10.18 13.83
N GLU B 139 -2.38 11.17 13.37
CA GLU B 139 -1.74 11.17 12.05
C GLU B 139 -0.84 9.94 11.85
N GLU B 140 -0.15 9.55 12.92
CA GLU B 140 0.76 8.40 12.89
C GLU B 140 -0.01 7.08 12.89
N ASP B 141 0.69 6.04 12.46
CA ASP B 141 0.12 4.69 12.37
C ASP B 141 -1.14 4.69 11.48
N ILE B 142 -1.08 5.44 10.40
CA ILE B 142 -1.90 5.14 9.25
C ILE B 142 -1.07 4.18 8.42
N PHE B 143 -1.66 3.02 8.20
CA PHE B 143 -0.92 1.84 7.86
C PHE B 143 -1.55 1.34 6.58
N MET B 144 -0.75 0.76 5.68
CA MET B 144 -1.28 0.17 4.44
C MET B 144 -0.83 -1.30 4.34
N PRO B 145 -1.71 -2.25 4.72
CA PRO B 145 -1.34 -3.69 4.69
C PRO B 145 -1.21 -4.21 3.26
N LEU B 146 -0.52 -5.32 3.09
CA LEU B 146 -0.36 -5.96 1.80
C LEU B 146 -1.71 -6.53 1.34
N GLN B 147 -2.13 -6.24 0.11
CA GLN B 147 -3.39 -6.77 -0.42
C GLN B 147 -3.12 -8.12 -1.03
N THR B 148 -3.92 -9.11 -0.66
CA THR B 148 -3.68 -10.49 -1.07
C THR B 148 -4.98 -11.20 -1.34
N GLY B 149 -4.90 -12.45 -1.79
CA GLY B 149 -6.04 -13.34 -1.76
C GLY B 149 -6.24 -13.83 -0.33
N SER B 150 -7.23 -14.71 -0.16
CA SER B 150 -7.49 -15.28 1.14
C SER B 150 -6.29 -16.01 1.70
N CYS B 151 -6.18 -16.04 3.03
CA CYS B 151 -5.32 -16.99 3.73
C CYS B 151 -6.17 -18.19 4.25
N VAL B 152 -5.54 -19.31 4.59
CA VAL B 152 -6.24 -20.52 5.04
C VAL B 152 -5.82 -21.21 6.36
N LEU B 153 -4.51 -21.45 6.54
CA LEU B 153 -4.03 -22.28 7.68
C LEU B 153 -3.50 -21.42 8.84
#